data_4A1W
#
_entry.id   4A1W
#
_cell.length_a   80.213
_cell.length_b   106.290
_cell.length_c   100.440
_cell.angle_alpha   90.00
_cell.angle_beta   90.00
_cell.angle_gamma   90.00
#
_symmetry.space_group_name_H-M   'P 21 21 2'
#
loop_
_entity.id
_entity.type
_entity.pdbx_description
1 polymer 'BCL-2-LIKE PROTEIN 1'
2 polymer 'ALPHA-BETA-FOLDAMER 2C'
3 water water
#
loop_
_entity_poly.entity_id
_entity_poly.type
_entity_poly.pdbx_seq_one_letter_code
_entity_poly.pdbx_strand_id
1 'polypeptide(L)'
;GPLGSMSQSNRELVVDFLSYKLSQKGYSWSQMAAVKQALREAGDEFELRYRRAFSDLTSQLHITPGTAYQSFEQVVNELF
RDGVNWGRIVAFFSFGGALCVESVDKEMQVLVSRIAAWMATYLNDHLEPWIQENGGWDTFVELYGNNAAAESRKGQER
;
A,B,C,D
2 'polypeptide(L)' I(HT7)IAQ(B3E)LRR(BIL)GDE(3FB)NAY(B3Y)(NH2) P,Q,R,S
#
# COMPACT_ATOMS: atom_id res chain seq x y z
N MET A 6 -10.95 -17.39 -28.10
CA MET A 6 -10.95 -17.25 -26.64
C MET A 6 -10.03 -18.26 -25.94
N SER A 7 -9.58 -19.27 -26.68
CA SER A 7 -8.62 -20.24 -26.14
C SER A 7 -7.27 -19.59 -25.84
N GLN A 8 -6.96 -18.51 -26.55
CA GLN A 8 -5.72 -17.76 -26.30
C GLN A 8 -5.95 -16.58 -25.36
N SER A 9 -7.14 -15.98 -25.42
CA SER A 9 -7.48 -14.87 -24.52
C SER A 9 -7.46 -15.31 -23.06
N ASN A 10 -8.15 -16.42 -22.78
CA ASN A 10 -8.14 -17.03 -21.46
C ASN A 10 -6.72 -17.35 -20.99
N ARG A 11 -5.95 -17.97 -21.87
CA ARG A 11 -4.55 -18.25 -21.59
C ARG A 11 -3.76 -16.98 -21.21
N GLU A 12 -4.04 -15.87 -21.90
CA GLU A 12 -3.32 -14.61 -21.67
C GLU A 12 -3.70 -13.98 -20.34
N LEU A 13 -4.93 -14.22 -19.90
CA LEU A 13 -5.43 -13.66 -18.67
C LEU A 13 -4.80 -14.35 -17.46
N VAL A 14 -4.77 -15.68 -17.52
CA VAL A 14 -4.14 -16.45 -16.47
C VAL A 14 -2.66 -16.06 -16.34
N VAL A 15 -1.99 -15.79 -17.45
CA VAL A 15 -0.57 -15.51 -17.38
C VAL A 15 -0.32 -14.14 -16.79
N ASP A 16 -1.13 -13.17 -17.21
CA ASP A 16 -1.01 -11.81 -16.70
C ASP A 16 -1.18 -11.77 -15.19
N PHE A 17 -2.23 -12.42 -14.70
CA PHE A 17 -2.51 -12.46 -13.25
C PHE A 17 -1.40 -13.19 -12.47
N LEU A 18 -1.00 -14.38 -12.92
CA LEU A 18 0.07 -15.11 -12.24
C LEU A 18 1.38 -14.31 -12.21
N SER A 19 1.64 -13.54 -13.28
CA SER A 19 2.84 -12.73 -13.35
C SER A 19 2.86 -11.68 -12.27
N TYR A 20 1.70 -11.11 -12.03
CA TYR A 20 1.56 -10.10 -11.00
C TYR A 20 1.74 -10.69 -9.58
N LYS A 21 1.10 -11.83 -9.32
CA LYS A 21 1.22 -12.44 -7.98
C LYS A 21 2.63 -12.95 -7.71
N LEU A 22 3.31 -13.47 -8.73
CA LEU A 22 4.72 -13.84 -8.61
C LEU A 22 5.56 -12.62 -8.22
N SER A 23 5.31 -11.49 -8.88
CA SER A 23 6.12 -10.29 -8.68
C SER A 23 5.99 -9.75 -7.27
N GLN A 24 4.78 -9.85 -6.71
CA GLN A 24 4.53 -9.31 -5.38
C GLN A 24 5.35 -10.02 -4.27
N LYS A 25 5.90 -11.19 -4.57
CA LYS A 25 6.82 -11.89 -3.66
C LYS A 25 8.23 -11.99 -4.26
N GLY A 26 8.61 -11.00 -5.07
CA GLY A 26 9.95 -10.91 -5.60
C GLY A 26 10.28 -11.90 -6.72
N TYR A 27 9.31 -12.73 -7.09
CA TYR A 27 9.51 -13.71 -8.15
C TYR A 27 9.06 -13.17 -9.52
N SER A 28 9.28 -13.94 -10.57
CA SER A 28 8.83 -13.50 -11.89
C SER A 28 8.40 -14.66 -12.78
N TRP A 29 7.44 -14.39 -13.66
CA TRP A 29 6.93 -15.38 -14.58
C TRP A 29 7.99 -15.71 -15.63
N SER A 30 8.62 -14.66 -16.13
CA SER A 30 9.61 -14.78 -17.19
C SER A 30 10.58 -13.61 -17.04
N GLN A 31 11.69 -13.66 -17.78
CA GLN A 31 12.65 -12.57 -17.71
C GLN A 31 12.00 -11.30 -18.25
N MET A 32 11.17 -11.47 -19.28
CA MET A 32 10.43 -10.35 -19.82
C MET A 32 9.46 -9.78 -18.80
N ALA A 33 8.82 -10.65 -18.03
CA ALA A 33 7.81 -10.19 -17.08
C ALA A 33 8.49 -9.36 -16.02
N ALA A 34 9.73 -9.75 -15.71
CA ALA A 34 10.51 -9.08 -14.68
C ALA A 34 10.88 -7.69 -15.13
N VAL A 35 11.19 -7.56 -16.42
CA VAL A 35 11.57 -6.27 -16.97
C VAL A 35 10.38 -5.30 -16.89
N LYS A 36 9.23 -5.77 -17.39
CA LYS A 36 8.00 -5.01 -17.35
C LYS A 36 7.70 -4.51 -15.95
N GLN A 37 7.84 -5.37 -14.96
CA GLN A 37 7.43 -4.99 -13.61
C GLN A 37 8.36 -3.94 -13.03
N ALA A 38 9.67 -4.10 -13.26
CA ALA A 38 10.67 -3.13 -12.79
C ALA A 38 10.51 -1.78 -13.48
N LEU A 39 10.21 -1.84 -14.78
CA LEU A 39 9.92 -0.65 -15.54
C LEU A 39 8.67 0.03 -14.98
N ARG A 40 7.64 -0.74 -14.65
CA ARG A 40 6.42 -0.17 -14.08
C ARG A 40 6.67 0.53 -12.75
N GLU A 41 7.49 -0.08 -11.91
CA GLU A 41 7.80 0.52 -10.62
C GLU A 41 8.68 1.76 -10.75
N ALA A 42 9.71 1.69 -11.58
CA ALA A 42 10.58 2.83 -11.81
C ALA A 42 9.78 4.01 -12.38
N GLY A 43 8.87 3.70 -13.31
CA GLY A 43 7.97 4.69 -13.86
C GLY A 43 7.14 5.37 -12.77
N ASP A 44 6.55 4.57 -11.89
CA ASP A 44 5.74 5.09 -10.79
C ASP A 44 6.55 5.98 -9.87
N GLU A 45 7.78 5.55 -9.60
CA GLU A 45 8.64 6.24 -8.66
C GLU A 45 9.14 7.58 -9.21
N PHE A 46 9.50 7.57 -10.49
CA PHE A 46 9.89 8.76 -11.22
C PHE A 46 8.75 9.79 -11.19
N GLU A 47 7.53 9.34 -11.50
CA GLU A 47 6.36 10.22 -11.53
C GLU A 47 5.93 10.75 -10.16
N LEU A 48 6.04 9.93 -9.12
CA LEU A 48 5.68 10.36 -7.78
C LEU A 48 6.62 11.46 -7.36
N ARG A 49 7.90 11.26 -7.66
CA ARG A 49 8.97 12.13 -7.20
C ARG A 49 9.00 13.47 -7.95
N TYR A 50 8.69 13.46 -9.23
CA TYR A 50 8.83 14.67 -10.02
C TYR A 50 7.52 15.20 -10.61
N ARG A 51 6.38 14.71 -10.11
CA ARG A 51 5.06 15.16 -10.54
C ARG A 51 4.95 16.69 -10.66
N ARG A 52 5.24 17.37 -9.57
CA ARG A 52 5.11 18.83 -9.49
C ARG A 52 6.15 19.60 -10.29
N ALA A 53 7.33 19.03 -10.47
CA ALA A 53 8.38 19.70 -11.21
C ALA A 53 8.04 19.76 -12.70
N PHE A 54 7.19 18.86 -13.14
CA PHE A 54 6.77 18.79 -14.54
C PHE A 54 5.46 19.54 -14.78
N SER A 55 4.89 20.10 -13.70
CA SER A 55 3.80 21.09 -13.73
C SER A 55 2.81 21.02 -14.89
N ASP A 56 3.02 21.90 -15.88
CA ASP A 56 2.13 22.02 -17.03
C ASP A 56 2.88 21.61 -18.32
N LEU A 57 4.19 21.41 -18.16
CA LEU A 57 5.11 21.17 -19.27
C LEU A 57 4.57 20.32 -20.43
N THR A 58 4.04 19.12 -20.16
CA THR A 58 3.58 18.25 -21.25
C THR A 58 2.38 18.84 -22.02
N SER A 59 1.57 19.65 -21.33
CA SER A 59 0.58 20.44 -22.06
C SER A 59 1.31 21.34 -23.07
N GLN A 60 2.28 22.12 -22.59
CA GLN A 60 3.05 23.06 -23.42
C GLN A 60 3.55 22.53 -24.77
N LEU A 61 3.58 21.22 -24.95
CA LEU A 61 3.97 20.63 -26.24
C LEU A 61 2.94 20.97 -27.30
N HIS A 62 1.67 20.80 -26.93
CA HIS A 62 0.53 21.06 -27.81
C HIS A 62 0.45 20.09 -28.97
N ILE A 63 -0.15 18.94 -28.67
CA ILE A 63 -0.19 17.77 -29.52
C ILE A 63 -1.32 17.85 -30.53
N THR A 64 -1.01 17.57 -31.78
CA THR A 64 -2.03 17.38 -32.79
C THR A 64 -1.56 16.20 -33.59
N PRO A 65 -2.47 15.52 -34.30
CA PRO A 65 -2.04 14.36 -35.10
C PRO A 65 -0.99 14.73 -36.13
N GLY A 66 -0.93 16.00 -36.53
CA GLY A 66 0.02 16.45 -37.54
C GLY A 66 1.40 16.81 -37.00
N THR A 67 1.45 17.26 -35.76
CA THR A 67 2.71 17.68 -35.18
C THR A 67 3.31 16.69 -34.18
N ALA A 68 2.53 15.67 -33.82
CA ALA A 68 2.89 14.79 -32.72
C ALA A 68 4.24 14.09 -32.94
N TYR A 69 4.49 13.60 -34.16
CA TYR A 69 5.78 12.97 -34.43
C TYR A 69 6.98 13.88 -34.26
N GLN A 70 6.87 15.11 -34.75
CA GLN A 70 7.95 16.07 -34.65
C GLN A 70 8.23 16.35 -33.20
N SER A 71 7.16 16.46 -32.42
CA SER A 71 7.33 16.79 -31.01
C SER A 71 8.01 15.63 -30.29
N PHE A 72 7.51 14.44 -30.52
CA PHE A 72 8.10 13.24 -29.94
C PHE A 72 9.57 13.22 -30.32
N GLU A 73 9.83 13.26 -31.62
CA GLU A 73 11.19 13.17 -32.12
C GLU A 73 12.10 14.21 -31.52
N GLN A 74 11.63 15.45 -31.46
CA GLN A 74 12.40 16.53 -30.90
C GLN A 74 12.81 16.28 -29.43
N VAL A 75 11.84 15.91 -28.60
CA VAL A 75 12.10 15.60 -27.19
C VAL A 75 13.09 14.43 -26.99
N VAL A 76 12.87 13.29 -27.65
CA VAL A 76 13.70 12.13 -27.34
C VAL A 76 15.12 12.25 -27.88
N ASN A 77 15.26 12.99 -28.99
CA ASN A 77 16.56 13.28 -29.58
C ASN A 77 17.36 14.16 -28.65
N GLU A 78 16.70 15.16 -28.09
CA GLU A 78 17.30 16.02 -27.09
C GLU A 78 17.65 15.25 -25.80
N LEU A 79 16.71 14.44 -25.33
CA LEU A 79 16.88 13.62 -24.14
C LEU A 79 18.15 12.75 -24.17
N PHE A 80 18.44 12.15 -25.33
CA PHE A 80 19.57 11.25 -25.45
C PHE A 80 20.71 11.85 -26.28
N ARG A 81 20.79 13.18 -26.33
CA ARG A 81 21.78 13.81 -27.21
C ARG A 81 23.22 13.52 -26.79
N ASP A 82 23.49 13.59 -25.49
CA ASP A 82 24.83 13.29 -25.02
C ASP A 82 24.92 11.97 -24.28
N GLY A 83 24.19 10.97 -24.75
CA GLY A 83 24.28 9.64 -24.15
C GLY A 83 23.03 9.00 -23.55
N VAL A 84 23.21 7.78 -23.08
CA VAL A 84 22.16 6.98 -22.49
C VAL A 84 22.53 6.53 -21.08
N ASN A 85 21.59 6.66 -20.15
CA ASN A 85 21.67 5.93 -18.90
C ASN A 85 20.28 5.44 -18.55
N TRP A 86 20.19 4.56 -17.57
CA TRP A 86 18.92 3.92 -17.28
C TRP A 86 17.89 4.94 -16.82
N GLY A 87 18.33 6.00 -16.17
CA GLY A 87 17.40 7.02 -15.73
C GLY A 87 16.76 7.71 -16.92
N ARG A 88 17.57 7.99 -17.93
CA ARG A 88 17.06 8.58 -19.14
C ARG A 88 16.08 7.66 -19.85
N ILE A 89 16.31 6.35 -19.76
CA ILE A 89 15.38 5.38 -20.33
C ILE A 89 14.03 5.39 -19.61
N VAL A 90 14.06 5.45 -18.29
CA VAL A 90 12.82 5.54 -17.50
C VAL A 90 12.09 6.85 -17.77
N ALA A 91 12.88 7.90 -17.97
CA ALA A 91 12.34 9.20 -18.34
C ALA A 91 11.63 9.11 -19.70
N PHE A 92 12.30 8.45 -20.64
CA PHE A 92 11.76 8.19 -21.97
C PHE A 92 10.39 7.52 -21.88
N PHE A 93 10.28 6.41 -21.16
CA PHE A 93 9.01 5.70 -21.07
C PHE A 93 7.91 6.56 -20.45
N SER A 94 8.24 7.25 -19.38
CA SER A 94 7.27 8.05 -18.65
C SER A 94 6.75 9.21 -19.51
N PHE A 95 7.62 9.73 -20.36
CA PHE A 95 7.23 10.76 -21.30
C PHE A 95 6.20 10.21 -22.29
N GLY A 96 6.48 9.00 -22.78
CA GLY A 96 5.60 8.33 -23.71
C GLY A 96 4.26 8.13 -23.06
N GLY A 97 4.29 7.76 -21.77
CA GLY A 97 3.09 7.63 -20.97
C GLY A 97 2.31 8.93 -20.93
N ALA A 98 2.99 10.04 -20.65
CA ALA A 98 2.33 11.34 -20.60
C ALA A 98 1.69 11.73 -21.94
N LEU A 99 2.40 11.50 -23.04
CA LEU A 99 1.85 11.81 -24.36
C LEU A 99 0.58 11.02 -24.67
N CYS A 100 0.58 9.73 -24.37
CA CYS A 100 -0.58 8.89 -24.60
C CYS A 100 -1.76 9.36 -23.77
N VAL A 101 -1.53 9.73 -22.51
CA VAL A 101 -2.62 10.22 -21.67
C VAL A 101 -3.16 11.58 -22.18
N GLU A 102 -2.27 12.49 -22.53
CA GLU A 102 -2.67 13.76 -23.09
C GLU A 102 -3.51 13.54 -24.36
N SER A 103 -3.04 12.63 -25.20
CA SER A 103 -3.76 12.29 -26.41
C SER A 103 -5.16 11.77 -26.14
N VAL A 104 -5.34 10.98 -25.09
CA VAL A 104 -6.68 10.49 -24.81
C VAL A 104 -7.55 11.59 -24.20
N ASP A 105 -6.97 12.37 -23.31
CA ASP A 105 -7.67 13.50 -22.69
C ASP A 105 -8.29 14.41 -23.74
N LYS A 106 -7.48 14.76 -24.74
CA LYS A 106 -7.87 15.71 -25.81
C LYS A 106 -8.61 15.05 -26.97
N GLU A 107 -9.10 13.84 -26.76
CA GLU A 107 -9.78 13.08 -27.81
C GLU A 107 -8.98 12.88 -29.09
N MET A 108 -7.77 12.38 -28.95
CA MET A 108 -6.92 12.03 -30.08
C MET A 108 -6.44 10.59 -29.88
N GLN A 109 -7.33 9.73 -29.40
CA GLN A 109 -6.99 8.36 -29.04
C GLN A 109 -6.22 7.61 -30.13
N VAL A 110 -6.44 8.03 -31.37
CA VAL A 110 -5.79 7.40 -32.52
C VAL A 110 -4.26 7.54 -32.47
N LEU A 111 -3.76 8.46 -31.63
CA LEU A 111 -2.31 8.71 -31.54
C LEU A 111 -1.58 7.72 -30.66
N VAL A 112 -2.31 7.11 -29.73
CA VAL A 112 -1.76 6.18 -28.77
C VAL A 112 -0.98 5.04 -29.43
N SER A 113 -1.59 4.34 -30.37
CA SER A 113 -0.95 3.21 -31.03
C SER A 113 0.26 3.64 -31.84
N ARG A 114 0.20 4.87 -32.34
CA ARG A 114 1.30 5.45 -33.09
C ARG A 114 2.49 5.77 -32.20
N ILE A 115 2.20 6.42 -31.07
CA ILE A 115 3.21 6.75 -30.09
C ILE A 115 3.91 5.47 -29.65
N ALA A 116 3.13 4.40 -29.52
CA ALA A 116 3.66 3.10 -29.14
C ALA A 116 4.64 2.60 -30.21
N ALA A 117 4.29 2.78 -31.48
CA ALA A 117 5.22 2.47 -32.56
C ALA A 117 6.49 3.33 -32.50
N TRP A 118 6.33 4.63 -32.25
CA TRP A 118 7.51 5.50 -32.22
C TRP A 118 8.42 5.10 -31.07
N MET A 119 7.82 4.56 -30.02
CA MET A 119 8.60 4.18 -28.86
C MET A 119 9.37 2.89 -29.13
N ALA A 120 8.69 1.87 -29.66
CA ALA A 120 9.34 0.59 -29.95
C ALA A 120 10.48 0.76 -30.94
N THR A 121 10.18 1.44 -32.03
CA THR A 121 11.15 1.74 -33.08
C THR A 121 12.38 2.41 -32.49
N TYR A 122 12.15 3.41 -31.64
CA TYR A 122 13.27 4.13 -31.06
C TYR A 122 14.06 3.21 -30.16
N LEU A 123 13.36 2.28 -29.52
CA LEU A 123 14.04 1.38 -28.62
C LEU A 123 14.93 0.45 -29.42
N ASN A 124 14.35 -0.13 -30.48
CA ASN A 124 15.06 -1.07 -31.33
C ASN A 124 16.29 -0.44 -31.98
N ASP A 125 16.10 0.77 -32.49
CA ASP A 125 17.14 1.38 -33.31
C ASP A 125 18.19 2.15 -32.52
N HIS A 126 17.79 2.79 -31.43
CA HIS A 126 18.69 3.75 -30.79
C HIS A 126 19.15 3.38 -29.38
N LEU A 127 18.31 2.66 -28.64
CA LEU A 127 18.66 2.33 -27.26
C LEU A 127 19.22 0.91 -27.12
N GLU A 128 18.71 0.00 -27.95
CA GLU A 128 19.12 -1.40 -27.92
C GLU A 128 20.64 -1.67 -27.85
N PRO A 129 21.44 -1.02 -28.73
CA PRO A 129 22.87 -1.30 -28.61
C PRO A 129 23.46 -0.93 -27.24
N TRP A 130 23.05 0.22 -26.71
CA TRP A 130 23.53 0.61 -25.39
C TRP A 130 23.06 -0.36 -24.32
N ILE A 131 21.82 -0.82 -24.45
CA ILE A 131 21.26 -1.76 -23.49
C ILE A 131 22.07 -3.06 -23.45
N GLN A 132 22.45 -3.56 -24.62
CA GLN A 132 23.18 -4.82 -24.70
C GLN A 132 24.61 -4.69 -24.15
N GLU A 133 25.25 -3.56 -24.40
CA GLU A 133 26.62 -3.37 -23.94
C GLU A 133 26.64 -3.02 -22.46
N ASN A 134 25.47 -2.67 -21.91
CA ASN A 134 25.37 -2.47 -20.47
C ASN A 134 24.69 -3.61 -19.73
N GLY A 135 24.77 -4.81 -20.29
CA GLY A 135 24.38 -6.01 -19.58
C GLY A 135 22.98 -6.52 -19.90
N GLY A 136 22.31 -5.87 -20.83
CA GLY A 136 20.93 -6.21 -21.14
C GLY A 136 20.00 -5.66 -20.08
N TRP A 137 18.71 -5.90 -20.26
CA TRP A 137 17.71 -5.37 -19.34
C TRP A 137 17.79 -6.04 -17.97
N ASP A 138 18.54 -7.14 -17.87
CA ASP A 138 18.69 -7.82 -16.60
C ASP A 138 19.45 -6.94 -15.62
N THR A 139 20.42 -6.21 -16.16
CA THR A 139 21.16 -5.23 -15.38
C THR A 139 20.21 -4.18 -14.79
N PHE A 140 19.22 -3.78 -15.59
CA PHE A 140 18.20 -2.83 -15.13
C PHE A 140 17.31 -3.38 -14.03
N VAL A 141 16.78 -4.58 -14.26
CA VAL A 141 15.97 -5.25 -13.25
C VAL A 141 16.71 -5.33 -11.91
N GLU A 142 17.88 -5.96 -11.91
CA GLU A 142 18.69 -6.07 -10.69
C GLU A 142 18.89 -4.71 -10.02
N LEU A 143 19.03 -3.65 -10.81
CA LEU A 143 19.25 -2.32 -10.23
C LEU A 143 17.99 -1.58 -9.79
N TYR A 144 16.92 -1.68 -10.58
CA TYR A 144 15.75 -0.85 -10.34
C TYR A 144 14.58 -1.63 -9.75
N GLY A 145 14.68 -2.95 -9.78
CA GLY A 145 13.66 -3.81 -9.21
C GLY A 145 13.66 -3.81 -7.69
N ASN A 146 12.56 -4.27 -7.10
CA ASN A 146 12.40 -4.24 -5.66
C ASN A 146 12.83 -5.55 -4.98
N LEU B 3 7.50 6.25 35.86
CA LEU B 3 6.14 6.38 36.42
C LEU B 3 5.05 5.87 35.48
N GLY B 4 4.54 4.68 35.79
CA GLY B 4 3.52 4.05 34.99
C GLY B 4 2.15 4.54 35.39
N SER B 5 1.13 4.12 34.65
CA SER B 5 -0.21 4.69 34.78
C SER B 5 -1.29 3.63 34.83
N MET B 6 -2.49 4.08 35.17
CA MET B 6 -3.55 3.22 35.70
C MET B 6 -4.49 2.53 34.71
N SER B 7 -5.75 2.95 34.77
CA SER B 7 -6.79 2.45 33.89
C SER B 7 -7.11 3.56 32.89
N GLN B 8 -6.20 4.52 32.81
CA GLN B 8 -6.22 5.48 31.72
C GLN B 8 -5.75 4.73 30.47
N SER B 9 -5.32 3.49 30.67
CA SER B 9 -4.91 2.61 29.59
C SER B 9 -6.04 2.39 28.60
N ASN B 10 -7.21 2.03 29.12
CA ASN B 10 -8.38 1.88 28.29
C ASN B 10 -8.87 3.17 27.65
N ARG B 11 -8.80 4.29 28.38
CA ARG B 11 -9.19 5.59 27.80
C ARG B 11 -8.22 5.94 26.68
N GLU B 12 -6.93 5.68 26.92
CA GLU B 12 -5.86 5.91 25.95
C GLU B 12 -6.10 5.11 24.66
N LEU B 13 -6.40 3.84 24.83
CA LEU B 13 -6.71 2.96 23.72
CA LEU B 13 -6.72 2.97 23.72
C LEU B 13 -7.82 3.56 22.88
N VAL B 14 -8.95 3.84 23.53
CA VAL B 14 -10.13 4.37 22.87
C VAL B 14 -9.84 5.63 22.05
N VAL B 15 -9.16 6.61 22.64
CA VAL B 15 -8.94 7.87 21.97
C VAL B 15 -8.09 7.66 20.73
N ASP B 16 -7.15 6.71 20.86
CA ASP B 16 -6.25 6.39 19.80
C ASP B 16 -7.02 5.82 18.65
N PHE B 17 -7.87 4.85 18.92
CA PHE B 17 -8.62 4.23 17.85
C PHE B 17 -9.60 5.23 17.23
N LEU B 18 -10.12 6.16 18.04
CA LEU B 18 -11.09 7.11 17.52
C LEU B 18 -10.42 8.12 16.62
N SER B 19 -9.27 8.64 17.08
CA SER B 19 -8.48 9.57 16.27
C SER B 19 -8.23 9.04 14.86
N TYR B 20 -7.82 7.79 14.80
CA TYR B 20 -7.43 7.15 13.56
C TYR B 20 -8.63 7.06 12.63
N LYS B 21 -9.74 6.57 13.18
CA LYS B 21 -10.95 6.37 12.40
C LYS B 21 -11.47 7.70 11.89
N LEU B 22 -11.30 8.74 12.70
CA LEU B 22 -11.69 10.09 12.32
C LEU B 22 -10.78 10.65 11.23
N SER B 23 -9.48 10.38 11.32
CA SER B 23 -8.53 10.93 10.37
C SER B 23 -8.80 10.35 9.01
N GLN B 24 -9.22 9.10 8.99
CA GLN B 24 -9.53 8.46 7.72
C GLN B 24 -10.70 9.10 6.96
N LYS B 25 -11.53 9.91 7.62
CA LYS B 25 -12.66 10.53 6.93
C LYS B 25 -12.47 12.04 6.78
N GLY B 26 -11.29 12.53 7.13
CA GLY B 26 -11.02 13.93 6.93
C GLY B 26 -11.15 14.74 8.19
N TYR B 27 -11.49 14.09 9.30
CA TYR B 27 -11.65 14.79 10.55
C TYR B 27 -10.45 14.57 11.43
N SER B 28 -10.38 15.31 12.52
CA SER B 28 -9.30 15.08 13.47
C SER B 28 -9.78 15.19 14.92
N TRP B 29 -9.16 14.41 15.80
CA TRP B 29 -9.52 14.42 17.21
C TRP B 29 -9.04 15.71 17.86
N SER B 30 -7.91 16.23 17.39
CA SER B 30 -7.34 17.49 17.87
C SER B 30 -6.37 18.06 16.83
N GLN B 31 -5.85 19.25 17.09
CA GLN B 31 -4.80 19.80 16.23
C GLN B 31 -3.58 18.88 16.31
N MET B 32 -3.17 18.56 17.53
CA MET B 32 -2.05 17.67 17.76
C MET B 32 -2.20 16.36 16.99
N ALA B 33 -3.42 15.81 16.96
CA ALA B 33 -3.64 14.55 16.25
C ALA B 33 -3.49 14.73 14.75
N ALA B 34 -3.83 15.92 14.27
CA ALA B 34 -3.72 16.25 12.85
C ALA B 34 -2.26 16.47 12.45
N VAL B 35 -1.47 16.97 13.40
CA VAL B 35 -0.05 17.21 13.16
C VAL B 35 0.69 15.89 13.11
N LYS B 36 0.37 14.99 14.04
CA LYS B 36 0.89 13.64 14.01
C LYS B 36 0.60 12.93 12.69
N GLN B 37 -0.66 12.99 12.24
CA GLN B 37 -1.04 12.28 11.02
C GLN B 37 -0.27 12.82 9.82
N ALA B 38 -0.16 14.14 9.74
CA ALA B 38 0.51 14.77 8.61
C ALA B 38 1.96 14.35 8.60
N LEU B 39 2.62 14.51 9.76
CA LEU B 39 4.01 14.12 9.92
C LEU B 39 4.24 12.65 9.61
N ARG B 40 3.36 11.77 10.10
CA ARG B 40 3.41 10.39 9.69
C ARG B 40 3.46 10.22 8.15
N GLU B 41 2.52 10.88 7.47
CA GLU B 41 2.35 10.72 6.02
C GLU B 41 3.48 11.36 5.23
N ALA B 42 3.91 12.53 5.68
CA ALA B 42 5.10 13.15 5.14
C ALA B 42 6.30 12.19 5.20
N GLY B 43 6.43 11.46 6.31
CA GLY B 43 7.52 10.52 6.51
C GLY B 43 7.45 9.35 5.55
N ASP B 44 6.24 8.86 5.30
CA ASP B 44 6.07 7.78 4.34
C ASP B 44 6.48 8.27 2.96
N GLU B 45 6.09 9.50 2.61
CA GLU B 45 6.33 10.00 1.27
C GLU B 45 7.82 10.21 1.05
N PHE B 46 8.50 10.75 2.05
CA PHE B 46 9.95 10.90 2.04
C PHE B 46 10.69 9.58 1.82
N GLU B 47 10.30 8.58 2.58
CA GLU B 47 10.99 7.30 2.53
C GLU B 47 10.76 6.55 1.19
N LEU B 48 9.54 6.62 0.68
CA LEU B 48 9.22 6.08 -0.64
C LEU B 48 10.16 6.65 -1.71
N ARG B 49 10.52 7.92 -1.57
CA ARG B 49 11.28 8.65 -2.59
C ARG B 49 12.78 8.55 -2.36
N TYR B 50 13.18 8.49 -1.10
CA TYR B 50 14.58 8.77 -0.76
C TYR B 50 15.34 7.69 0.01
N ARG B 51 14.63 6.62 0.42
CA ARG B 51 15.19 5.39 1.02
C ARG B 51 16.69 5.14 0.77
N ARG B 52 17.05 4.92 -0.49
CA ARG B 52 18.42 4.58 -0.88
C ARG B 52 19.50 5.54 -0.36
N ALA B 53 19.10 6.77 -0.03
CA ALA B 53 20.02 7.77 0.48
C ALA B 53 20.38 7.60 1.96
N PHE B 54 19.57 6.85 2.70
CA PHE B 54 19.88 6.59 4.12
C PHE B 54 19.58 5.14 4.52
N SER B 55 19.95 4.20 3.68
CA SER B 55 19.89 2.78 4.04
C SER B 55 21.18 2.32 4.69
N ASP B 56 21.12 1.16 5.35
CA ASP B 56 22.33 0.50 5.85
C ASP B 56 23.03 1.36 6.90
N LEU B 57 22.24 2.09 7.68
CA LEU B 57 22.79 3.03 8.67
C LEU B 57 23.72 2.39 9.71
N THR B 58 23.35 1.23 10.24
CA THR B 58 24.17 0.61 11.29
C THR B 58 25.49 0.04 10.76
N SER B 59 25.50 -0.38 9.51
CA SER B 59 26.74 -0.78 8.85
C SER B 59 27.56 0.44 8.47
N GLN B 60 26.91 1.38 7.79
CA GLN B 60 27.57 2.61 7.35
C GLN B 60 28.07 3.52 8.47
N LEU B 61 27.26 3.70 9.52
CA LEU B 61 27.66 4.57 10.63
C LEU B 61 28.38 3.80 11.72
N HIS B 62 28.54 2.49 11.53
CA HIS B 62 29.14 1.61 12.55
C HIS B 62 28.46 1.77 13.91
N ILE B 63 27.15 1.54 13.95
CA ILE B 63 26.35 1.81 15.14
C ILE B 63 26.53 0.78 16.27
N THR B 64 27.01 1.28 17.42
CA THR B 64 26.96 0.53 18.68
C THR B 64 26.39 1.46 19.76
N PRO B 65 25.89 0.90 20.87
CA PRO B 65 25.32 1.77 21.90
C PRO B 65 26.33 2.81 22.40
N GLY B 66 27.61 2.47 22.33
CA GLY B 66 28.66 3.37 22.78
C GLY B 66 28.94 4.52 21.84
N THR B 67 28.68 4.33 20.55
CA THR B 67 29.06 5.33 19.54
C THR B 67 27.87 5.93 18.79
N ALA B 68 26.69 5.35 18.99
CA ALA B 68 25.48 5.81 18.32
C ALA B 68 25.20 7.30 18.48
N TYR B 69 25.38 7.85 19.69
CA TYR B 69 25.04 9.27 19.85
C TYR B 69 25.92 10.17 19.01
N GLN B 70 27.21 9.85 18.98
CA GLN B 70 28.19 10.62 18.22
C GLN B 70 27.83 10.63 16.72
N SER B 71 27.32 9.51 16.23
CA SER B 71 26.89 9.41 14.85
C SER B 71 25.63 10.23 14.58
N PHE B 72 24.69 10.16 15.51
CA PHE B 72 23.46 10.91 15.43
C PHE B 72 23.75 12.40 15.46
N GLU B 73 24.64 12.82 16.36
CA GLU B 73 24.99 14.23 16.50
C GLU B 73 25.55 14.74 15.18
N GLN B 74 26.29 13.85 14.52
CA GLN B 74 27.00 14.19 13.31
C GLN B 74 26.02 14.38 12.17
N VAL B 75 25.15 13.39 11.95
CA VAL B 75 24.18 13.49 10.87
C VAL B 75 23.31 14.76 10.97
N VAL B 76 22.63 14.97 12.09
CA VAL B 76 21.68 16.09 12.16
C VAL B 76 22.33 17.48 12.26
N ASN B 77 23.58 17.56 12.71
CA ASN B 77 24.25 18.86 12.71
C ASN B 77 24.56 19.30 11.29
N GLU B 78 24.94 18.32 10.47
CA GLU B 78 25.28 18.55 9.08
C GLU B 78 24.01 18.81 8.28
N LEU B 79 22.95 18.09 8.62
CA LEU B 79 21.65 18.20 7.95
C LEU B 79 21.07 19.61 8.13
N PHE B 80 21.22 20.17 9.32
CA PHE B 80 20.69 21.50 9.58
C PHE B 80 21.77 22.58 9.61
N ARG B 81 22.98 22.24 9.18
CA ARG B 81 24.12 23.14 9.27
C ARG B 81 23.92 24.50 8.60
N ASP B 82 23.31 24.53 7.42
CA ASP B 82 23.13 25.78 6.68
C ASP B 82 21.74 26.39 6.85
N GLY B 83 20.96 25.82 7.77
CA GLY B 83 19.64 26.36 8.08
C GLY B 83 18.56 25.29 8.21
N VAL B 84 17.33 25.72 8.45
CA VAL B 84 16.17 24.83 8.60
C VAL B 84 15.10 25.07 7.53
N ASN B 85 14.44 24.00 7.10
CA ASN B 85 13.15 24.12 6.42
C ASN B 85 12.30 22.89 6.70
N TRP B 86 11.07 22.88 6.24
CA TRP B 86 10.19 21.77 6.56
C TRP B 86 10.69 20.44 6.00
N GLY B 87 11.21 20.48 4.78
CA GLY B 87 11.80 19.31 4.15
C GLY B 87 12.88 18.66 4.99
N ARG B 88 13.82 19.45 5.49
CA ARG B 88 14.87 18.91 6.34
C ARG B 88 14.34 18.33 7.64
N ILE B 89 13.35 19.01 8.21
CA ILE B 89 12.71 18.53 9.44
C ILE B 89 12.11 17.15 9.18
N VAL B 90 11.47 16.97 8.04
CA VAL B 90 10.86 15.70 7.70
C VAL B 90 11.97 14.64 7.54
N ALA B 91 13.08 15.07 6.96
CA ALA B 91 14.21 14.20 6.76
C ALA B 91 14.72 13.76 8.13
N PHE B 92 14.91 14.74 9.01
CA PHE B 92 15.34 14.49 10.39
C PHE B 92 14.48 13.43 11.08
N PHE B 93 13.17 13.52 10.93
CA PHE B 93 12.30 12.51 11.51
C PHE B 93 12.56 11.13 10.88
N SER B 94 12.51 11.06 9.56
CA SER B 94 12.65 9.79 8.85
C SER B 94 13.96 9.09 9.17
N PHE B 95 15.00 9.89 9.37
CA PHE B 95 16.31 9.38 9.72
C PHE B 95 16.24 8.71 11.10
N GLY B 96 15.71 9.43 12.09
CA GLY B 96 15.50 8.92 13.43
C GLY B 96 14.71 7.61 13.42
N GLY B 97 13.62 7.64 12.67
CA GLY B 97 12.78 6.48 12.49
C GLY B 97 13.56 5.32 11.91
N ALA B 98 14.40 5.63 10.93
CA ALA B 98 15.18 4.60 10.26
C ALA B 98 16.26 4.03 11.20
N LEU B 99 16.86 4.90 12.00
CA LEU B 99 17.90 4.50 12.92
C LEU B 99 17.34 3.58 14.02
N CYS B 100 16.13 3.91 14.52
CA CYS B 100 15.43 3.08 15.50
C CYS B 100 15.09 1.70 14.94
N VAL B 101 14.56 1.66 13.73
CA VAL B 101 14.20 0.41 13.10
C VAL B 101 15.41 -0.52 12.95
N GLU B 102 16.52 0.03 12.48
CA GLU B 102 17.74 -0.72 12.26
C GLU B 102 18.32 -1.23 13.57
N SER B 103 18.30 -0.36 14.56
CA SER B 103 18.77 -0.71 15.90
C SER B 103 18.04 -1.92 16.45
N VAL B 104 16.71 -1.96 16.29
CA VAL B 104 15.96 -3.12 16.75
C VAL B 104 16.28 -4.34 15.90
N ASP B 105 16.38 -4.14 14.58
CA ASP B 105 16.77 -5.20 13.66
C ASP B 105 18.03 -5.91 14.14
N LYS B 106 18.99 -5.14 14.65
CA LYS B 106 20.27 -5.69 15.02
C LYS B 106 20.42 -5.91 16.52
N GLU B 107 19.27 -5.96 17.21
CA GLU B 107 19.18 -6.25 18.63
C GLU B 107 19.95 -5.21 19.42
N MET B 108 19.70 -3.95 19.11
CA MET B 108 20.16 -2.87 19.99
C MET B 108 18.99 -2.02 20.44
N GLN B 109 17.96 -2.69 20.99
CA GLN B 109 16.67 -2.07 21.30
C GLN B 109 16.85 -0.90 22.25
N VAL B 110 17.91 -0.96 23.04
CA VAL B 110 18.22 0.02 24.06
C VAL B 110 18.45 1.40 23.44
N LEU B 111 18.64 1.44 22.13
CA LEU B 111 18.89 2.70 21.45
C LEU B 111 17.58 3.47 21.18
N VAL B 112 16.47 2.73 21.03
CA VAL B 112 15.20 3.32 20.66
C VAL B 112 14.78 4.50 21.55
N SER B 113 14.85 4.31 22.86
CA SER B 113 14.38 5.35 23.79
C SER B 113 15.40 6.46 23.88
N ARG B 114 16.65 6.12 23.58
CA ARG B 114 17.75 7.10 23.55
C ARG B 114 17.68 8.06 22.36
N ILE B 115 17.46 7.52 21.17
CA ILE B 115 17.26 8.33 19.96
C ILE B 115 16.04 9.23 20.14
N ALA B 116 14.94 8.62 20.59
CA ALA B 116 13.71 9.35 20.89
C ALA B 116 14.01 10.53 21.79
N ALA B 117 14.79 10.28 22.84
CA ALA B 117 15.18 11.37 23.71
C ALA B 117 16.00 12.41 22.93
N TRP B 118 17.01 11.95 22.18
CA TRP B 118 17.91 12.85 21.45
C TRP B 118 17.15 13.73 20.47
N MET B 119 16.16 13.16 19.80
CA MET B 119 15.38 13.92 18.84
C MET B 119 14.52 14.98 19.53
N ALA B 120 13.92 14.61 20.67
CA ALA B 120 13.08 15.53 21.44
C ALA B 120 13.87 16.74 21.91
N THR B 121 15.07 16.47 22.42
CA THR B 121 15.96 17.54 22.86
C THR B 121 16.36 18.46 21.72
N TYR B 122 16.62 17.86 20.55
CA TYR B 122 17.04 18.64 19.40
C TYR B 122 15.88 19.50 18.90
N LEU B 123 14.71 18.90 18.86
CA LEU B 123 13.50 19.58 18.48
C LEU B 123 13.27 20.80 19.41
N ASN B 124 13.26 20.57 20.72
CA ASN B 124 13.07 21.65 21.69
C ASN B 124 14.09 22.79 21.51
N ASP B 125 15.35 22.42 21.40
CA ASP B 125 16.44 23.38 21.49
C ASP B 125 16.78 24.05 20.16
N HIS B 126 16.65 23.33 19.06
CA HIS B 126 17.15 23.86 17.79
C HIS B 126 16.13 24.04 16.66
N LEU B 127 15.12 23.18 16.59
CA LEU B 127 14.10 23.31 15.56
C LEU B 127 12.92 24.19 16.00
N GLU B 128 12.57 24.14 17.28
CA GLU B 128 11.40 24.84 17.80
C GLU B 128 11.32 26.35 17.45
N PRO B 129 12.40 27.12 17.71
CA PRO B 129 12.34 28.54 17.36
C PRO B 129 12.02 28.81 15.87
N TRP B 130 12.63 28.03 14.98
CA TRP B 130 12.35 28.16 13.56
C TRP B 130 10.89 27.86 13.23
N ILE B 131 10.39 26.76 13.76
CA ILE B 131 8.99 26.37 13.53
C ILE B 131 8.01 27.47 13.93
N GLN B 132 8.28 28.09 15.08
CA GLN B 132 7.42 29.12 15.64
C GLN B 132 7.50 30.42 14.83
N GLU B 133 8.62 30.65 14.15
CA GLU B 133 8.79 31.84 13.34
C GLU B 133 8.34 31.54 11.90
N ASN B 134 8.01 30.28 11.63
CA ASN B 134 7.61 29.91 10.27
C ASN B 134 6.20 29.34 10.14
N GLY B 135 5.36 29.69 11.11
CA GLY B 135 3.94 29.47 10.97
C GLY B 135 3.45 28.30 11.76
N GLY B 136 4.33 27.72 12.57
CA GLY B 136 3.96 26.62 13.46
C GLY B 136 3.59 25.34 12.72
N TRP B 137 3.39 24.28 13.51
CA TRP B 137 3.03 22.99 12.94
C TRP B 137 1.74 23.04 12.11
N ASP B 138 0.88 24.04 12.36
CA ASP B 138 -0.37 24.20 11.61
C ASP B 138 -0.09 24.53 10.14
N THR B 139 1.00 25.24 9.90
CA THR B 139 1.43 25.52 8.54
C THR B 139 1.97 24.26 7.87
N PHE B 140 2.66 23.44 8.66
CA PHE B 140 3.21 22.20 8.15
C PHE B 140 2.12 21.28 7.64
N VAL B 141 1.06 21.16 8.42
CA VAL B 141 -0.12 20.38 8.04
C VAL B 141 -0.76 20.90 6.74
N GLU B 142 -0.79 22.22 6.57
CA GLU B 142 -1.32 22.79 5.33
C GLU B 142 -0.44 22.44 4.14
N LEU B 143 0.88 22.35 4.37
CA LEU B 143 1.85 22.06 3.31
C LEU B 143 2.07 20.55 3.00
N TYR B 144 2.01 19.69 4.03
CA TYR B 144 2.21 18.25 3.80
C TYR B 144 1.00 17.42 4.29
N GLY B 145 0.82 16.24 3.72
CA GLY B 145 -0.24 15.34 4.16
C GLY B 145 -1.69 15.70 3.79
N ASN B 146 -2.31 14.85 2.97
CA ASN B 146 -3.71 15.06 2.56
C ASN B 146 -4.48 13.74 2.47
N GLN C 8 0.23 20.93 22.27
CA GLN C 8 1.68 20.83 22.13
C GLN C 8 2.27 19.54 22.76
N SER C 9 3.58 19.33 22.49
CA SER C 9 4.48 18.35 23.12
C SER C 9 5.45 17.72 22.12
N ASN C 10 6.69 18.18 22.11
CA ASN C 10 7.69 17.64 21.20
C ASN C 10 8.04 16.20 21.51
N ARG C 11 8.15 15.89 22.79
CA ARG C 11 8.29 14.52 23.28
C ARG C 11 7.27 13.62 22.58
N GLU C 12 6.01 14.03 22.63
CA GLU C 12 4.88 13.26 22.11
C GLU C 12 4.87 13.14 20.59
N LEU C 13 5.44 14.13 19.92
CA LEU C 13 5.47 14.07 18.46
C LEU C 13 6.54 13.05 18.04
N VAL C 14 7.71 13.15 18.66
CA VAL C 14 8.76 12.18 18.41
C VAL C 14 8.26 10.77 18.70
N VAL C 15 7.61 10.55 19.85
CA VAL C 15 7.14 9.21 20.17
C VAL C 15 6.13 8.67 19.16
N ASP C 16 5.17 9.48 18.76
CA ASP C 16 4.16 9.04 17.80
C ASP C 16 4.80 8.61 16.47
N PHE C 17 5.67 9.45 15.92
CA PHE C 17 6.37 9.11 14.69
C PHE C 17 7.18 7.79 14.82
N LEU C 18 8.08 7.72 15.80
CA LEU C 18 8.88 6.51 15.99
C LEU C 18 8.04 5.26 16.18
N SER C 19 6.91 5.41 16.86
CA SER C 19 6.03 4.26 17.09
C SER C 19 5.49 3.77 15.76
N TYR C 20 5.06 4.72 14.96
CA TYR C 20 4.51 4.42 13.66
C TYR C 20 5.55 3.68 12.83
N LYS C 21 6.75 4.25 12.77
CA LYS C 21 7.81 3.69 11.92
C LYS C 21 8.24 2.30 12.36
N LEU C 22 8.33 2.09 13.68
CA LEU C 22 8.67 0.77 14.21
C LEU C 22 7.61 -0.24 13.85
N SER C 23 6.36 0.19 13.92
CA SER C 23 5.23 -0.71 13.76
C SER C 23 5.18 -1.19 12.32
N GLN C 24 5.76 -0.40 11.43
CA GLN C 24 5.76 -0.74 10.01
C GLN C 24 6.67 -1.92 9.72
N LYS C 25 7.56 -2.22 10.66
CA LYS C 25 8.48 -3.33 10.48
C LYS C 25 8.19 -4.50 11.43
N GLY C 26 7.00 -4.50 12.00
CA GLY C 26 6.61 -5.58 12.91
C GLY C 26 7.14 -5.41 14.32
N TYR C 27 7.66 -4.23 14.63
CA TYR C 27 8.16 -3.87 15.95
C TYR C 27 7.17 -2.93 16.63
N SER C 28 7.50 -2.48 17.83
CA SER C 28 6.63 -1.56 18.55
C SER C 28 7.39 -0.78 19.61
N TRP C 29 7.01 0.47 19.80
CA TRP C 29 7.67 1.35 20.77
C TRP C 29 7.47 0.91 22.22
N SER C 30 6.34 0.24 22.47
CA SER C 30 5.95 -0.17 23.80
C SER C 30 4.82 -1.20 23.67
N GLN C 31 4.37 -1.79 24.78
CA GLN C 31 3.25 -2.71 24.72
C GLN C 31 1.97 -1.95 24.37
N MET C 32 1.82 -0.76 24.95
CA MET C 32 0.68 0.10 24.69
C MET C 32 0.66 0.46 23.19
N ALA C 33 1.83 0.82 22.67
CA ALA C 33 1.92 1.19 21.27
C ALA C 33 1.49 0.00 20.43
N ALA C 34 1.83 -1.19 20.89
CA ALA C 34 1.64 -2.38 20.08
C ALA C 34 0.17 -2.74 20.00
N VAL C 35 -0.54 -2.55 21.12
CA VAL C 35 -1.96 -2.85 21.15
C VAL C 35 -2.73 -1.85 20.29
N LYS C 36 -2.47 -0.56 20.46
CA LYS C 36 -3.05 0.47 19.60
C LYS C 36 -2.98 0.09 18.12
N GLN C 37 -1.79 -0.29 17.64
CA GLN C 37 -1.60 -0.57 16.22
C GLN C 37 -2.35 -1.81 15.80
N ALA C 38 -2.33 -2.81 16.67
CA ALA C 38 -3.03 -4.05 16.40
C ALA C 38 -4.50 -3.75 16.18
N LEU C 39 -5.06 -2.91 17.04
CA LEU C 39 -6.47 -2.55 16.96
C LEU C 39 -6.78 -1.78 15.67
N ARG C 40 -5.97 -0.76 15.40
CA ARG C 40 -6.11 0.02 14.17
C ARG C 40 -6.22 -0.89 12.93
N GLU C 41 -5.36 -1.92 12.87
CA GLU C 41 -5.33 -2.81 11.71
C GLU C 41 -6.53 -3.77 11.66
N ALA C 42 -6.89 -4.31 12.81
CA ALA C 42 -8.04 -5.19 12.88
C ALA C 42 -9.28 -4.40 12.49
N GLY C 43 -9.37 -3.17 12.99
CA GLY C 43 -10.48 -2.31 12.65
C GLY C 43 -10.57 -2.04 11.15
N ASP C 44 -9.44 -1.61 10.58
CA ASP C 44 -9.32 -1.43 9.13
C ASP C 44 -9.73 -2.69 8.36
N GLU C 45 -9.28 -3.85 8.84
CA GLU C 45 -9.55 -5.11 8.15
C GLU C 45 -11.02 -5.51 8.26
N PHE C 46 -11.58 -5.32 9.45
CA PHE C 46 -13.00 -5.53 9.71
C PHE C 46 -13.84 -4.61 8.83
N GLU C 47 -13.45 -3.35 8.74
CA GLU C 47 -14.24 -2.39 7.96
C GLU C 47 -14.11 -2.64 6.46
N LEU C 48 -12.91 -3.03 6.03
CA LEU C 48 -12.65 -3.36 4.63
C LEU C 48 -13.61 -4.45 4.20
N ARG C 49 -13.56 -5.55 4.93
CA ARG C 49 -14.31 -6.74 4.62
C ARG C 49 -15.83 -6.57 4.71
N TYR C 50 -16.31 -5.68 5.57
CA TYR C 50 -17.74 -5.61 5.87
C TYR C 50 -18.44 -4.27 5.62
N ARG C 51 -17.70 -3.25 5.17
CA ARG C 51 -18.25 -1.92 4.84
C ARG C 51 -19.63 -1.96 4.18
N ARG C 52 -19.76 -2.72 3.10
CA ARG C 52 -21.01 -2.82 2.36
C ARG C 52 -22.14 -3.49 3.15
N ALA C 53 -21.78 -4.29 4.14
CA ALA C 53 -22.79 -4.95 4.95
C ALA C 53 -23.38 -4.03 6.02
N PHE C 54 -22.61 -3.02 6.43
CA PHE C 54 -23.06 -2.09 7.46
C PHE C 54 -23.60 -0.80 6.86
N SER C 55 -23.93 -0.86 5.57
CA SER C 55 -24.25 0.32 4.75
C SER C 55 -25.27 1.29 5.36
N ASP C 56 -26.55 0.95 5.24
CA ASP C 56 -27.60 1.81 5.77
C ASP C 56 -27.62 1.73 7.29
N LEU C 57 -27.12 0.62 7.83
CA LEU C 57 -27.32 0.29 9.24
C LEU C 57 -27.11 1.43 10.25
N THR C 58 -25.90 2.02 10.31
CA THR C 58 -25.63 3.09 11.28
C THR C 58 -26.43 4.39 11.05
N SER C 59 -26.72 4.70 9.78
CA SER C 59 -27.61 5.82 9.49
C SER C 59 -28.97 5.56 10.16
N GLN C 60 -29.42 4.31 10.10
CA GLN C 60 -30.72 3.89 10.62
C GLN C 60 -30.87 4.05 12.15
N LEU C 61 -29.76 4.08 12.88
CA LEU C 61 -29.82 4.36 14.32
C LEU C 61 -30.47 5.71 14.58
N HIS C 62 -30.19 6.66 13.70
CA HIS C 62 -30.70 8.02 13.83
C HIS C 62 -30.29 8.64 15.17
N ILE C 63 -28.98 8.79 15.32
CA ILE C 63 -28.35 9.39 16.48
C ILE C 63 -28.78 10.85 16.68
N THR C 64 -29.09 11.21 17.93
CA THR C 64 -29.26 12.61 18.35
C THR C 64 -28.57 12.76 19.70
N PRO C 65 -28.27 14.00 20.13
CA PRO C 65 -27.55 14.08 21.41
C PRO C 65 -28.31 13.44 22.56
N GLY C 66 -29.63 13.51 22.51
CA GLY C 66 -30.48 13.01 23.58
C GLY C 66 -30.80 11.52 23.51
N THR C 67 -30.64 10.91 22.35
CA THR C 67 -30.87 9.48 22.21
C THR C 67 -29.58 8.66 22.01
N ALA C 68 -28.46 9.34 21.81
CA ALA C 68 -27.22 8.67 21.44
C ALA C 68 -26.83 7.60 22.47
N TYR C 69 -26.90 7.96 23.74
CA TYR C 69 -26.52 7.04 24.80
C TYR C 69 -27.34 5.75 24.83
N GLN C 70 -28.65 5.88 24.70
CA GLN C 70 -29.54 4.73 24.74
C GLN C 70 -29.23 3.77 23.61
N SER C 71 -29.04 4.33 22.42
CA SER C 71 -28.66 3.56 21.24
C SER C 71 -27.32 2.87 21.49
N PHE C 72 -26.35 3.61 22.04
CA PHE C 72 -25.06 3.05 22.33
C PHE C 72 -25.20 1.89 23.30
N GLU C 73 -25.88 2.15 24.42
CA GLU C 73 -26.14 1.15 25.44
C GLU C 73 -26.86 -0.10 24.91
N GLN C 74 -27.93 0.12 24.16
CA GLN C 74 -28.67 -0.97 23.55
C GLN C 74 -27.76 -1.87 22.71
N VAL C 75 -27.01 -1.26 21.79
CA VAL C 75 -26.16 -1.99 20.85
C VAL C 75 -25.05 -2.79 21.52
N VAL C 76 -24.23 -2.18 22.37
CA VAL C 76 -23.13 -2.96 22.94
C VAL C 76 -23.60 -4.03 23.91
N ASN C 77 -24.77 -3.84 24.52
CA ASN C 77 -25.32 -4.83 25.44
C ASN C 77 -25.79 -6.06 24.70
N GLU C 78 -26.42 -5.84 23.55
CA GLU C 78 -26.86 -6.93 22.69
C GLU C 78 -25.64 -7.61 22.05
N LEU C 79 -24.61 -6.83 21.73
CA LEU C 79 -23.41 -7.40 21.11
C LEU C 79 -22.74 -8.40 22.06
N PHE C 80 -22.67 -8.04 23.33
CA PHE C 80 -21.88 -8.81 24.29
C PHE C 80 -22.70 -9.69 25.22
N ARG C 81 -24.00 -9.80 25.00
CA ARG C 81 -24.84 -10.42 26.03
C ARG C 81 -24.56 -11.90 26.23
N ASP C 82 -24.41 -12.66 25.14
CA ASP C 82 -24.09 -14.09 25.29
C ASP C 82 -22.60 -14.38 25.30
N GLY C 83 -21.78 -13.37 25.62
CA GLY C 83 -20.35 -13.58 25.80
C GLY C 83 -19.42 -12.62 25.06
N VAL C 84 -18.13 -12.72 25.34
CA VAL C 84 -17.12 -11.88 24.72
C VAL C 84 -16.09 -12.72 23.96
N ASN C 85 -15.69 -12.25 22.79
CA ASN C 85 -14.52 -12.75 22.09
C ASN C 85 -13.79 -11.57 21.44
N TRP C 86 -12.58 -11.82 20.96
CA TRP C 86 -11.78 -10.74 20.41
C TRP C 86 -12.41 -10.06 19.19
N GLY C 87 -13.15 -10.81 18.38
CA GLY C 87 -13.76 -10.25 17.18
C GLY C 87 -14.86 -9.25 17.51
N ARG C 88 -15.70 -9.63 18.47
CA ARG C 88 -16.71 -8.73 19.02
C ARG C 88 -16.10 -7.47 19.64
N ILE C 89 -14.94 -7.62 20.27
CA ILE C 89 -14.29 -6.46 20.85
C ILE C 89 -13.84 -5.51 19.75
N VAL C 90 -13.43 -6.09 18.62
CA VAL C 90 -13.05 -5.29 17.46
C VAL C 90 -14.30 -4.66 16.81
N ALA C 91 -15.39 -5.42 16.77
CA ALA C 91 -16.67 -4.92 16.28
C ALA C 91 -17.09 -3.72 17.10
N PHE C 92 -16.97 -3.84 18.41
CA PHE C 92 -17.35 -2.80 19.33
C PHE C 92 -16.55 -1.55 19.06
N PHE C 93 -15.24 -1.69 18.92
CA PHE C 93 -14.41 -0.51 18.62
C PHE C 93 -14.80 0.13 17.30
N SER C 94 -15.14 -0.70 16.33
CA SER C 94 -15.44 -0.21 15.01
C SER C 94 -16.81 0.51 15.01
N PHE C 95 -17.70 0.05 15.88
CA PHE C 95 -19.00 0.66 16.06
C PHE C 95 -18.81 2.09 16.55
N GLY C 96 -17.97 2.24 17.57
CA GLY C 96 -17.74 3.53 18.19
C GLY C 96 -17.15 4.51 17.21
N GLY C 97 -16.24 4.04 16.37
CA GLY C 97 -15.67 4.86 15.31
C GLY C 97 -16.77 5.39 14.40
N ALA C 98 -17.61 4.49 13.90
CA ALA C 98 -18.67 4.80 12.95
C ALA C 98 -19.67 5.81 13.52
N LEU C 99 -19.87 5.76 14.85
CA LEU C 99 -20.80 6.64 15.54
C LEU C 99 -20.20 8.02 15.65
N CYS C 100 -18.90 8.04 15.92
CA CYS C 100 -18.15 9.27 15.98
C CYS C 100 -18.07 9.95 14.61
N VAL C 101 -17.86 9.17 13.56
CA VAL C 101 -17.86 9.74 12.22
C VAL C 101 -19.24 10.32 11.90
N GLU C 102 -20.28 9.53 12.14
CA GLU C 102 -21.64 9.93 11.85
C GLU C 102 -22.00 11.21 12.58
N SER C 103 -21.49 11.35 13.81
CA SER C 103 -21.78 12.50 14.65
C SER C 103 -21.15 13.78 14.11
N VAL C 104 -19.89 13.69 13.72
CA VAL C 104 -19.22 14.82 13.09
C VAL C 104 -19.88 15.15 11.74
N ASP C 105 -20.20 14.12 10.96
CA ASP C 105 -20.90 14.28 9.69
C ASP C 105 -22.10 15.18 9.86
N LYS C 106 -22.83 14.99 10.96
CA LYS C 106 -24.11 15.65 11.15
C LYS C 106 -24.05 16.78 12.16
N GLU C 107 -22.85 17.32 12.32
CA GLU C 107 -22.59 18.48 13.17
C GLU C 107 -23.06 18.28 14.60
N MET C 108 -22.79 17.09 15.13
CA MET C 108 -22.99 16.78 16.54
C MET C 108 -21.64 16.41 17.14
N GLN C 109 -20.63 17.21 16.82
CA GLN C 109 -19.25 16.99 17.23
C GLN C 109 -19.14 16.76 18.74
N VAL C 110 -20.05 17.37 19.48
CA VAL C 110 -20.10 17.25 20.94
C VAL C 110 -20.11 15.78 21.40
N LEU C 111 -20.76 14.92 20.62
CA LEU C 111 -21.02 13.55 21.02
C LEU C 111 -19.77 12.69 21.05
N VAL C 112 -18.78 13.07 20.25
CA VAL C 112 -17.56 12.28 20.08
C VAL C 112 -16.83 11.99 21.39
N SER C 113 -16.69 13.02 22.21
CA SER C 113 -15.99 12.87 23.48
C SER C 113 -16.82 12.07 24.48
N ARG C 114 -18.15 12.09 24.30
CA ARG C 114 -19.03 11.31 25.16
C ARG C 114 -19.03 9.83 24.80
N ILE C 115 -18.97 9.54 23.51
CA ILE C 115 -18.90 8.17 23.02
C ILE C 115 -17.58 7.53 23.45
N ALA C 116 -16.49 8.26 23.27
CA ALA C 116 -15.19 7.90 23.81
C ALA C 116 -15.27 7.54 25.29
N ALA C 117 -15.95 8.37 26.07
CA ALA C 117 -16.13 8.08 27.49
C ALA C 117 -16.93 6.79 27.69
N TRP C 118 -18.10 6.69 27.04
CA TRP C 118 -18.96 5.51 27.20
C TRP C 118 -18.18 4.21 26.89
N MET C 119 -17.36 4.26 25.83
CA MET C 119 -16.50 3.16 25.43
C MET C 119 -15.48 2.81 26.51
N ALA C 120 -14.78 3.82 27.02
CA ALA C 120 -13.83 3.60 28.10
C ALA C 120 -14.50 2.97 29.32
N THR C 121 -15.69 3.46 29.67
CA THR C 121 -16.41 2.93 30.82
C THR C 121 -16.79 1.47 30.62
N TYR C 122 -17.25 1.14 29.42
CA TYR C 122 -17.65 -0.23 29.14
C TYR C 122 -16.47 -1.17 29.28
N LEU C 123 -15.33 -0.75 28.70
CA LEU C 123 -14.12 -1.54 28.76
C LEU C 123 -13.76 -1.77 30.21
N ASN C 124 -13.53 -0.67 30.92
CA ASN C 124 -13.16 -0.70 32.32
C ASN C 124 -14.05 -1.55 33.24
N ASP C 125 -15.36 -1.47 33.04
CA ASP C 125 -16.29 -2.14 33.94
C ASP C 125 -16.70 -3.51 33.44
N HIS C 126 -16.81 -3.66 32.13
CA HIS C 126 -17.42 -4.87 31.59
C HIS C 126 -16.58 -5.81 30.73
N LEU C 127 -15.57 -5.29 30.04
CA LEU C 127 -14.75 -6.16 29.19
C LEU C 127 -13.40 -6.49 29.83
N GLU C 128 -12.97 -5.64 30.75
CA GLU C 128 -11.68 -5.79 31.42
C GLU C 128 -11.50 -7.13 32.16
N PRO C 129 -12.56 -7.65 32.82
CA PRO C 129 -12.36 -8.96 33.44
C PRO C 129 -12.05 -10.08 32.44
N TRP C 130 -12.80 -10.13 31.34
CA TRP C 130 -12.63 -11.17 30.31
C TRP C 130 -11.26 -11.07 29.65
N ILE C 131 -10.78 -9.83 29.48
CA ILE C 131 -9.52 -9.57 28.83
C ILE C 131 -8.38 -10.15 29.66
N GLN C 132 -8.44 -9.98 30.97
CA GLN C 132 -7.44 -10.58 31.83
C GLN C 132 -7.63 -12.10 31.92
N GLU C 133 -8.83 -12.56 31.59
CA GLU C 133 -9.12 -13.97 31.65
C GLU C 133 -8.70 -14.66 30.38
N ASN C 134 -8.39 -13.88 29.35
CA ASN C 134 -7.96 -14.46 28.09
C ASN C 134 -6.54 -14.07 27.70
N GLY C 135 -5.73 -13.79 28.71
CA GLY C 135 -4.31 -13.58 28.49
C GLY C 135 -3.89 -12.14 28.31
N GLY C 136 -4.86 -11.23 28.39
CA GLY C 136 -4.59 -9.81 28.26
C GLY C 136 -4.44 -9.41 26.82
N TRP C 137 -4.28 -8.12 26.59
CA TRP C 137 -4.21 -7.56 25.25
C TRP C 137 -3.10 -8.18 24.44
N ASP C 138 -2.05 -8.62 25.13
CA ASP C 138 -0.93 -9.30 24.51
C ASP C 138 -1.38 -10.52 23.73
N THR C 139 -2.43 -11.18 24.19
CA THR C 139 -2.97 -12.33 23.47
C THR C 139 -3.66 -11.87 22.19
N PHE C 140 -4.24 -10.66 22.23
CA PHE C 140 -4.88 -10.06 21.08
C PHE C 140 -3.88 -9.69 19.98
N VAL C 141 -2.83 -8.97 20.39
CA VAL C 141 -1.71 -8.63 19.51
C VAL C 141 -1.06 -9.86 18.83
N GLU C 142 -0.86 -10.93 19.60
CA GLU C 142 -0.28 -12.14 19.03
C GLU C 142 -1.22 -12.75 18.01
N LEU C 143 -2.52 -12.56 18.22
CA LEU C 143 -3.52 -13.19 17.37
C LEU C 143 -3.98 -12.35 16.15
N TYR C 144 -4.35 -11.09 16.35
CA TYR C 144 -4.91 -10.27 15.26
C TYR C 144 -3.88 -9.31 14.70
N GLY C 145 -2.61 -9.51 15.06
CA GLY C 145 -1.52 -8.67 14.61
C GLY C 145 -0.78 -9.25 13.42
N SER D 5 12.08 -10.90 -33.20
CA SER D 5 13.37 -11.03 -32.53
C SER D 5 13.32 -10.40 -31.14
N MET D 6 14.29 -9.51 -30.87
CA MET D 6 14.19 -8.59 -29.75
C MET D 6 13.17 -7.52 -30.14
N SER D 7 12.87 -7.46 -31.44
CA SER D 7 11.97 -6.47 -32.00
C SER D 7 10.54 -6.62 -31.46
N GLN D 8 10.04 -7.86 -31.47
CA GLN D 8 8.70 -8.16 -30.96
C GLN D 8 8.60 -7.94 -29.46
N SER D 9 9.72 -8.11 -28.76
CA SER D 9 9.74 -7.98 -27.30
C SER D 9 9.72 -6.53 -26.86
N ASN D 10 10.45 -5.67 -27.55
CA ASN D 10 10.43 -4.25 -27.24
C ASN D 10 9.02 -3.67 -27.40
N ARG D 11 8.35 -4.00 -28.50
CA ARG D 11 6.96 -3.61 -28.69
C ARG D 11 6.09 -4.08 -27.53
N GLU D 12 6.37 -5.29 -27.03
CA GLU D 12 5.59 -5.85 -25.93
C GLU D 12 5.85 -5.09 -24.63
N LEU D 13 7.09 -4.60 -24.48
CA LEU D 13 7.48 -3.85 -23.32
C LEU D 13 6.81 -2.49 -23.38
N VAL D 14 6.83 -1.87 -24.56
CA VAL D 14 6.23 -0.56 -24.74
C VAL D 14 4.74 -0.58 -24.43
N VAL D 15 4.05 -1.55 -25.02
CA VAL D 15 2.62 -1.71 -24.83
C VAL D 15 2.27 -1.90 -23.37
N ASP D 16 3.00 -2.79 -22.70
CA ASP D 16 2.80 -3.05 -21.30
C ASP D 16 2.84 -1.80 -20.43
N PHE D 17 3.90 -1.01 -20.58
CA PHE D 17 4.06 0.18 -19.77
C PHE D 17 2.95 1.20 -20.07
N LEU D 18 2.69 1.44 -21.36
CA LEU D 18 1.64 2.37 -21.76
C LEU D 18 0.28 1.93 -21.26
N SER D 19 0.01 0.63 -21.29
CA SER D 19 -1.25 0.10 -20.76
C SER D 19 -1.41 0.48 -19.30
N TYR D 20 -0.34 0.33 -18.55
CA TYR D 20 -0.36 0.56 -17.12
C TYR D 20 -0.67 2.03 -16.81
N LYS D 21 -0.02 2.93 -17.54
CA LYS D 21 -0.17 4.34 -17.28
C LYS D 21 -1.57 4.86 -17.62
N LEU D 22 -2.15 4.33 -18.69
CA LEU D 22 -3.51 4.67 -19.09
C LEU D 22 -4.52 4.30 -18.02
N SER D 23 -4.37 3.08 -17.50
CA SER D 23 -5.26 2.58 -16.46
C SER D 23 -5.19 3.40 -15.18
N GLN D 24 -4.02 3.97 -14.89
CA GLN D 24 -3.88 4.83 -13.71
C GLN D 24 -4.72 6.11 -13.81
N LYS D 25 -5.14 6.45 -15.03
CA LYS D 25 -5.89 7.67 -15.29
C LYS D 25 -7.33 7.35 -15.72
N GLY D 26 -7.75 6.10 -15.55
CA GLY D 26 -9.09 5.68 -15.91
C GLY D 26 -9.27 5.29 -17.38
N TYR D 27 -8.17 5.09 -18.09
CA TYR D 27 -8.25 4.70 -19.50
C TYR D 27 -7.79 3.27 -19.65
N SER D 28 -7.95 2.73 -20.85
CA SER D 28 -7.46 1.37 -21.08
C SER D 28 -6.96 1.14 -22.51
N TRP D 29 -5.88 0.38 -22.60
CA TRP D 29 -5.27 0.04 -23.87
C TRP D 29 -6.27 -0.72 -24.73
N SER D 30 -6.96 -1.67 -24.11
CA SER D 30 -7.93 -2.49 -24.83
C SER D 30 -8.92 -3.06 -23.84
N GLN D 31 -9.88 -3.81 -24.35
CA GLN D 31 -10.86 -4.45 -23.47
C GLN D 31 -10.12 -5.41 -22.56
N MET D 32 -9.20 -6.15 -23.16
CA MET D 32 -8.41 -7.15 -22.44
C MET D 32 -7.54 -6.54 -21.34
N ALA D 33 -6.86 -5.43 -21.62
CA ALA D 33 -6.05 -4.79 -20.58
C ALA D 33 -6.91 -4.28 -19.44
N ALA D 34 -8.20 -4.08 -19.70
CA ALA D 34 -9.10 -3.60 -18.68
C ALA D 34 -9.51 -4.79 -17.82
N VAL D 35 -9.75 -5.94 -18.46
CA VAL D 35 -10.07 -7.15 -17.72
C VAL D 35 -8.93 -7.54 -16.79
N LYS D 36 -7.72 -7.62 -17.34
CA LYS D 36 -6.49 -7.96 -16.59
C LYS D 36 -6.28 -7.07 -15.37
N GLN D 37 -6.55 -5.77 -15.51
CA GLN D 37 -6.30 -4.85 -14.39
C GLN D 37 -7.33 -5.04 -13.29
N ALA D 38 -8.59 -5.19 -13.67
CA ALA D 38 -9.68 -5.37 -12.74
C ALA D 38 -9.42 -6.66 -11.98
N LEU D 39 -9.13 -7.72 -12.71
CA LEU D 39 -8.82 -9.01 -12.10
C LEU D 39 -7.64 -8.93 -11.12
N ARG D 40 -6.58 -8.20 -11.48
CA ARG D 40 -5.47 -7.96 -10.57
C ARG D 40 -5.91 -7.32 -9.25
N GLU D 41 -6.76 -6.30 -9.37
CA GLU D 41 -7.25 -5.57 -8.21
C GLU D 41 -8.20 -6.45 -7.39
N ALA D 42 -9.01 -7.24 -8.07
CA ALA D 42 -9.87 -8.20 -7.43
C ALA D 42 -9.07 -9.24 -6.66
N GLY D 43 -7.88 -9.56 -7.16
CA GLY D 43 -7.05 -10.54 -6.50
C GLY D 43 -6.37 -10.00 -5.27
N ASP D 44 -5.89 -8.77 -5.34
CA ASP D 44 -5.31 -8.12 -4.18
C ASP D 44 -6.34 -8.04 -3.05
N GLU D 45 -7.53 -7.54 -3.39
CA GLU D 45 -8.63 -7.34 -2.44
C GLU D 45 -9.07 -8.63 -1.76
N PHE D 46 -9.21 -9.70 -2.54
CA PHE D 46 -9.60 -10.99 -2.03
C PHE D 46 -8.54 -11.52 -1.07
N GLU D 47 -7.28 -11.39 -1.46
CA GLU D 47 -6.17 -11.89 -0.65
C GLU D 47 -6.06 -11.13 0.69
N LEU D 48 -6.36 -9.83 0.64
CA LEU D 48 -6.27 -9.00 1.83
C LEU D 48 -7.30 -9.42 2.88
N ARG D 49 -8.44 -9.88 2.38
CA ARG D 49 -9.55 -10.25 3.25
C ARG D 49 -9.47 -11.69 3.76
N TYR D 50 -8.87 -12.58 2.97
CA TYR D 50 -9.05 -14.01 3.17
C TYR D 50 -7.79 -14.90 3.12
N ARG D 51 -6.60 -14.27 3.08
CA ARG D 51 -5.34 -15.03 2.95
C ARG D 51 -5.24 -16.19 3.93
N ARG D 52 -5.72 -16.00 5.16
CA ARG D 52 -5.64 -17.01 6.21
C ARG D 52 -6.40 -18.29 5.88
N ALA D 53 -7.30 -18.22 4.90
CA ALA D 53 -8.13 -19.37 4.54
C ALA D 53 -7.40 -20.32 3.59
N PHE D 54 -6.33 -19.84 2.97
CA PHE D 54 -5.57 -20.64 2.02
C PHE D 54 -4.04 -20.45 2.12
N SER D 55 -3.54 -20.33 3.33
CA SER D 55 -2.11 -20.31 3.58
C SER D 55 -1.54 -21.72 3.76
N ASP D 56 -0.21 -21.81 3.68
CA ASP D 56 0.52 -23.05 3.90
C ASP D 56 -0.03 -24.19 3.03
N LEU D 57 -0.22 -23.89 1.75
CA LEU D 57 -0.72 -24.88 0.81
C LEU D 57 0.22 -26.08 0.59
N THR D 58 1.54 -25.85 0.55
CA THR D 58 2.45 -26.95 0.22
C THR D 58 2.59 -27.96 1.35
N SER D 59 2.39 -27.51 2.59
CA SER D 59 2.32 -28.45 3.71
C SER D 59 0.94 -29.09 3.80
N GLN D 60 -0.11 -28.31 3.60
CA GLN D 60 -1.45 -28.83 3.69
C GLN D 60 -1.78 -29.80 2.56
N LEU D 61 -1.34 -29.47 1.35
CA LEU D 61 -1.69 -30.28 0.19
C LEU D 61 -0.62 -31.29 -0.19
N HIS D 62 0.51 -31.26 0.53
CA HIS D 62 1.66 -32.13 0.28
C HIS D 62 2.13 -31.99 -1.17
N ILE D 63 2.24 -30.74 -1.62
CA ILE D 63 2.56 -30.47 -3.01
C ILE D 63 3.94 -31.03 -3.40
N THR D 64 3.94 -31.79 -4.48
CA THR D 64 5.14 -32.15 -5.24
C THR D 64 4.71 -32.04 -6.70
N PRO D 65 5.68 -31.99 -7.62
CA PRO D 65 5.20 -31.82 -8.99
C PRO D 65 4.31 -32.97 -9.45
N GLY D 66 4.58 -34.17 -8.96
CA GLY D 66 3.87 -35.33 -9.42
C GLY D 66 2.47 -35.46 -8.84
N THR D 67 2.23 -34.85 -7.69
CA THR D 67 0.91 -34.90 -7.05
C THR D 67 0.10 -33.61 -7.13
N ALA D 68 0.75 -32.52 -7.54
CA ALA D 68 0.15 -31.19 -7.51
C ALA D 68 -1.17 -31.06 -8.30
N TYR D 69 -1.23 -31.66 -9.49
CA TYR D 69 -2.47 -31.61 -10.24
C TYR D 69 -3.65 -32.23 -9.49
N GLN D 70 -3.42 -33.40 -8.89
CA GLN D 70 -4.48 -34.10 -8.17
C GLN D 70 -5.04 -33.19 -7.09
N SER D 71 -4.16 -32.45 -6.44
CA SER D 71 -4.55 -31.50 -5.41
C SER D 71 -5.34 -30.32 -6.03
N PHE D 72 -4.78 -29.71 -7.07
CA PHE D 72 -5.38 -28.59 -7.76
C PHE D 72 -6.80 -28.96 -8.18
N GLU D 73 -6.91 -30.08 -8.86
CA GLU D 73 -8.18 -30.59 -9.36
C GLU D 73 -9.19 -30.74 -8.22
N GLN D 74 -8.78 -31.38 -7.14
CA GLN D 74 -9.63 -31.59 -5.98
C GLN D 74 -10.21 -30.31 -5.38
N VAL D 75 -9.34 -29.31 -5.16
CA VAL D 75 -9.74 -28.05 -4.56
C VAL D 75 -10.66 -27.25 -5.48
N VAL D 76 -10.28 -27.14 -6.74
CA VAL D 76 -11.07 -26.40 -7.73
C VAL D 76 -12.44 -27.05 -7.95
N ASN D 77 -12.47 -28.37 -7.98
CA ASN D 77 -13.74 -29.08 -8.14
C ASN D 77 -14.68 -28.84 -6.98
N GLU D 78 -14.16 -28.86 -5.76
CA GLU D 78 -14.99 -28.54 -4.62
C GLU D 78 -15.49 -27.09 -4.70
N LEU D 79 -14.57 -26.19 -5.02
CA LEU D 79 -14.87 -24.76 -5.17
C LEU D 79 -16.11 -24.51 -6.03
N PHE D 80 -16.16 -25.13 -7.20
CA PHE D 80 -17.24 -24.88 -8.14
C PHE D 80 -18.25 -26.02 -8.14
N ARG D 81 -18.17 -26.88 -7.12
CA ARG D 81 -19.04 -28.05 -7.00
C ARG D 81 -20.50 -27.74 -7.33
N ASP D 82 -21.07 -26.76 -6.63
CA ASP D 82 -22.50 -26.48 -6.75
C ASP D 82 -22.83 -25.38 -7.73
N GLY D 83 -21.81 -24.72 -8.27
CA GLY D 83 -22.04 -23.68 -9.24
C GLY D 83 -20.93 -22.65 -9.31
N VAL D 84 -21.17 -21.61 -10.10
CA VAL D 84 -20.18 -20.57 -10.35
C VAL D 84 -20.74 -19.19 -10.04
N ASN D 85 -19.91 -18.31 -9.51
CA ASN D 85 -20.20 -16.89 -9.47
C ASN D 85 -18.89 -16.15 -9.54
N TRP D 86 -18.94 -14.83 -9.74
CA TRP D 86 -17.72 -14.06 -9.96
C TRP D 86 -16.77 -14.16 -8.77
N GLY D 87 -17.34 -14.21 -7.57
CA GLY D 87 -16.53 -14.32 -6.38
C GLY D 87 -15.68 -15.56 -6.39
N ARG D 88 -16.30 -16.69 -6.77
CA ARG D 88 -15.60 -17.96 -6.77
C ARG D 88 -14.51 -17.93 -7.80
N ILE D 89 -14.85 -17.42 -8.99
CA ILE D 89 -13.87 -17.18 -10.05
C ILE D 89 -12.67 -16.39 -9.54
N VAL D 90 -12.90 -15.37 -8.72
CA VAL D 90 -11.79 -14.61 -8.17
C VAL D 90 -10.94 -15.49 -7.23
N ALA D 91 -11.60 -16.33 -6.45
CA ALA D 91 -10.92 -17.19 -5.48
C ALA D 91 -10.08 -18.21 -6.22
N PHE D 92 -10.60 -18.63 -7.36
CA PHE D 92 -9.94 -19.57 -8.23
C PHE D 92 -8.60 -18.99 -8.65
N PHE D 93 -8.64 -17.79 -9.21
CA PHE D 93 -7.41 -17.08 -9.56
C PHE D 93 -6.48 -16.93 -8.36
N SER D 94 -7.03 -16.50 -7.24
CA SER D 94 -6.20 -16.22 -6.08
C SER D 94 -5.53 -17.48 -5.52
N PHE D 95 -6.20 -18.61 -5.74
CA PHE D 95 -5.71 -19.89 -5.30
C PHE D 95 -4.51 -20.30 -6.15
N GLY D 96 -4.70 -20.29 -7.46
CA GLY D 96 -3.64 -20.58 -8.40
C GLY D 96 -2.46 -19.65 -8.16
N GLY D 97 -2.74 -18.38 -7.89
CA GLY D 97 -1.69 -17.41 -7.66
C GLY D 97 -0.79 -17.86 -6.51
N ALA D 98 -1.44 -18.31 -5.45
CA ALA D 98 -0.72 -18.62 -4.22
C ALA D 98 -0.01 -19.98 -4.37
N LEU D 99 -0.68 -20.91 -5.05
CA LEU D 99 -0.11 -22.22 -5.33
C LEU D 99 1.21 -22.02 -6.08
N CYS D 100 1.20 -21.16 -7.09
CA CYS D 100 2.41 -20.76 -7.80
C CYS D 100 3.52 -20.16 -6.91
N VAL D 101 3.18 -19.15 -6.11
CA VAL D 101 4.16 -18.46 -5.27
C VAL D 101 4.84 -19.41 -4.28
N GLU D 102 4.03 -20.22 -3.61
CA GLU D 102 4.56 -21.17 -2.64
C GLU D 102 5.46 -22.21 -3.28
N SER D 103 5.06 -22.69 -4.47
CA SER D 103 5.86 -23.66 -5.21
C SER D 103 7.27 -23.14 -5.41
N VAL D 104 7.37 -21.87 -5.79
CA VAL D 104 8.66 -21.25 -6.03
C VAL D 104 9.45 -21.13 -4.71
N ASP D 105 8.72 -20.93 -3.61
CA ASP D 105 9.34 -20.82 -2.29
C ASP D 105 10.05 -22.13 -1.99
N LYS D 106 9.41 -23.23 -2.37
CA LYS D 106 9.91 -24.57 -2.07
C LYS D 106 10.86 -25.09 -3.15
N GLU D 107 11.34 -24.18 -3.98
CA GLU D 107 12.19 -24.50 -5.14
C GLU D 107 11.57 -25.55 -6.04
N MET D 108 10.29 -25.36 -6.34
CA MET D 108 9.61 -26.14 -7.37
C MET D 108 9.10 -25.23 -8.50
N GLN D 109 9.98 -24.41 -9.04
CA GLN D 109 9.63 -23.48 -10.13
C GLN D 109 8.93 -24.15 -11.32
N VAL D 110 9.25 -25.42 -11.55
CA VAL D 110 8.68 -26.23 -12.63
C VAL D 110 7.15 -26.28 -12.62
N LEU D 111 6.54 -26.01 -11.47
CA LEU D 111 5.08 -26.08 -11.35
C LEU D 111 4.33 -24.85 -11.90
N VAL D 112 5.00 -23.70 -11.95
CA VAL D 112 4.36 -22.45 -12.35
C VAL D 112 3.70 -22.47 -13.72
N SER D 113 4.42 -22.96 -14.73
CA SER D 113 3.87 -23.02 -16.07
C SER D 113 2.84 -24.14 -16.20
N ARG D 114 2.99 -25.18 -15.37
CA ARG D 114 1.98 -26.24 -15.34
C ARG D 114 0.66 -25.77 -14.74
N ILE D 115 0.74 -25.13 -13.57
CA ILE D 115 -0.42 -24.57 -12.92
C ILE D 115 -1.12 -23.57 -13.87
N ALA D 116 -0.31 -22.82 -14.60
CA ALA D 116 -0.83 -21.83 -15.54
C ALA D 116 -1.67 -22.50 -16.61
N ALA D 117 -1.24 -23.67 -17.05
CA ALA D 117 -1.97 -24.39 -18.09
C ALA D 117 -3.27 -24.96 -17.53
N TRP D 118 -3.18 -25.58 -16.35
CA TRP D 118 -4.36 -26.17 -15.72
C TRP D 118 -5.42 -25.11 -15.49
N MET D 119 -4.99 -23.94 -15.01
CA MET D 119 -5.89 -22.82 -14.80
C MET D 119 -6.54 -22.41 -16.11
N ALA D 120 -5.72 -22.28 -17.15
CA ALA D 120 -6.23 -21.82 -18.43
C ALA D 120 -7.24 -22.80 -19.02
N THR D 121 -6.92 -24.08 -18.96
CA THR D 121 -7.81 -25.13 -19.44
C THR D 121 -9.12 -25.14 -18.67
N TYR D 122 -9.05 -25.14 -17.34
CA TYR D 122 -10.26 -25.10 -16.51
C TYR D 122 -11.12 -23.88 -16.80
N LEU D 123 -10.48 -22.71 -16.91
CA LEU D 123 -11.18 -21.48 -17.22
C LEU D 123 -11.82 -21.59 -18.59
N ASN D 124 -11.02 -21.99 -19.57
CA ASN D 124 -11.52 -22.24 -20.92
C ASN D 124 -12.67 -23.24 -20.94
N ASP D 125 -12.44 -24.41 -20.35
CA ASP D 125 -13.42 -25.50 -20.41
C ASP D 125 -14.65 -25.39 -19.49
N HIS D 126 -14.49 -24.85 -18.27
CA HIS D 126 -15.57 -24.91 -17.28
C HIS D 126 -16.07 -23.56 -16.77
N LEU D 127 -15.30 -22.50 -16.96
CA LEU D 127 -15.74 -21.21 -16.45
C LEU D 127 -16.31 -20.32 -17.55
N GLU D 128 -15.74 -20.44 -18.74
CA GLU D 128 -16.13 -19.62 -19.88
C GLU D 128 -17.63 -19.57 -20.21
N PRO D 129 -18.29 -20.75 -20.31
CA PRO D 129 -19.72 -20.75 -20.66
C PRO D 129 -20.55 -19.91 -19.71
N TRP D 130 -20.31 -20.08 -18.42
CA TRP D 130 -20.98 -19.30 -17.40
C TRP D 130 -20.69 -17.82 -17.63
N ILE D 131 -19.41 -17.48 -17.78
CA ILE D 131 -18.97 -16.12 -18.08
C ILE D 131 -19.80 -15.51 -19.22
N GLN D 132 -19.83 -16.24 -20.34
CA GLN D 132 -20.52 -15.78 -21.54
C GLN D 132 -22.01 -15.51 -21.32
N GLU D 133 -22.64 -16.29 -20.46
CA GLU D 133 -24.05 -16.09 -20.15
C GLU D 133 -24.29 -15.00 -19.11
N ASN D 134 -23.29 -14.69 -18.31
CA ASN D 134 -23.49 -13.74 -17.23
C ASN D 134 -22.87 -12.39 -17.51
N GLY D 135 -22.90 -12.01 -18.78
CA GLY D 135 -22.51 -10.66 -19.17
C GLY D 135 -21.05 -10.49 -19.53
N GLY D 136 -20.32 -11.62 -19.66
CA GLY D 136 -18.92 -11.59 -20.05
C GLY D 136 -18.02 -10.87 -19.07
N TRP D 137 -16.73 -10.80 -19.38
CA TRP D 137 -15.79 -10.13 -18.48
C TRP D 137 -16.08 -8.64 -18.33
N ASP D 138 -16.86 -8.06 -19.24
CA ASP D 138 -17.20 -6.65 -19.11
C ASP D 138 -18.05 -6.40 -17.86
N THR D 139 -18.92 -7.36 -17.55
CA THR D 139 -19.72 -7.30 -16.34
C THR D 139 -18.80 -7.33 -15.14
N PHE D 140 -17.92 -8.33 -15.12
CA PHE D 140 -16.92 -8.47 -14.07
C PHE D 140 -16.22 -7.15 -13.79
N VAL D 141 -15.71 -6.54 -14.84
CA VAL D 141 -15.07 -5.23 -14.72
C VAL D 141 -15.96 -4.20 -14.02
N GLU D 142 -17.26 -4.18 -14.32
CA GLU D 142 -18.16 -3.23 -13.68
C GLU D 142 -18.29 -3.53 -12.18
N LEU D 143 -18.47 -4.80 -11.84
CA LEU D 143 -18.70 -5.15 -10.45
C LEU D 143 -17.44 -5.12 -9.57
N TYR D 144 -16.28 -5.34 -10.17
CA TYR D 144 -15.03 -5.44 -9.41
C TYR D 144 -13.97 -4.44 -9.92
N GLY D 145 -13.00 -4.13 -9.07
CA GLY D 145 -11.91 -3.25 -9.44
C GLY D 145 -12.32 -1.84 -9.81
N ILE E 3 10.75 20.75 -21.54
CA ILE E 3 10.37 19.37 -21.19
C ILE E 3 11.47 18.32 -21.31
N ALA E 4 12.34 18.47 -22.30
CA ALA E 4 13.38 17.48 -22.59
C ALA E 4 14.64 17.66 -21.75
N GLN E 5 15.05 18.91 -21.51
CA GLN E 5 16.18 19.16 -20.62
C GLN E 5 15.71 18.85 -19.23
N LEU E 7 13.24 16.05 -18.39
CA LEU E 7 13.51 14.63 -18.59
C LEU E 7 14.98 14.28 -18.45
N ARG E 8 15.87 15.13 -18.94
CA ARG E 8 17.28 14.77 -18.88
C ARG E 8 17.90 15.04 -17.51
N ARG E 9 17.62 16.20 -16.94
CA ARG E 9 18.23 16.58 -15.68
C ARG E 9 17.68 15.71 -14.55
N GLY E 11 15.91 12.07 -15.39
CA GLY E 11 16.67 10.85 -15.60
C GLY E 11 18.07 10.78 -15.01
N ASP E 12 18.77 11.91 -14.96
CA ASP E 12 20.15 11.89 -14.46
C ASP E 12 20.21 11.75 -12.94
N GLU E 13 19.28 12.41 -12.25
CA GLU E 13 19.23 12.30 -10.81
C GLU E 13 18.58 11.00 -10.33
N ASN E 15 19.67 8.16 -12.47
CA ASN E 15 21.06 7.69 -12.44
C ASN E 15 21.80 7.93 -11.11
N ALA E 16 21.71 9.15 -10.58
CA ALA E 16 22.41 9.49 -9.34
C ALA E 16 21.82 8.77 -8.13
N TYR E 17 20.56 8.37 -8.23
CA TYR E 17 19.87 7.77 -7.11
C TYR E 17 20.03 6.27 -7.12
N ILE F 1 28.96 14.36 6.89
CA ILE F 1 28.87 13.01 6.33
C ILE F 1 28.21 12.91 4.94
N ILE F 3 25.47 10.45 3.92
CA ILE F 3 24.09 10.32 4.39
C ILE F 3 23.42 11.66 4.65
N ALA F 4 24.11 12.56 5.35
CA ALA F 4 23.51 13.81 5.80
C ALA F 4 23.20 14.76 4.65
N GLN F 5 24.10 14.81 3.68
CA GLN F 5 23.95 15.72 2.54
C GLN F 5 23.01 15.12 1.50
N LEU F 7 20.03 13.17 2.73
CA LEU F 7 18.97 13.69 3.60
C LEU F 7 18.73 15.16 3.40
N ARG F 8 19.77 15.94 3.16
CA ARG F 8 19.57 17.39 3.09
C ARG F 8 19.04 17.88 1.74
N ARG F 9 19.70 17.44 0.68
CA ARG F 9 19.40 17.93 -0.65
C ARG F 9 18.17 17.25 -1.22
N GLY F 11 15.65 16.22 1.58
CA GLY F 11 14.94 17.30 2.25
C GLY F 11 14.60 18.56 1.45
N ASP F 12 15.58 19.11 0.74
CA ASP F 12 15.40 20.38 0.05
C ASP F 12 14.50 20.26 -1.16
N GLU F 13 14.41 19.05 -1.70
CA GLU F 13 13.61 18.80 -2.89
C GLU F 13 12.16 18.65 -2.49
N ASN F 15 10.99 20.67 0.56
CA ASN F 15 10.85 22.11 0.48
C ASN F 15 10.64 22.76 -0.90
N ALA F 16 11.28 22.20 -1.92
CA ALA F 16 11.18 22.78 -3.26
C ALA F 16 9.77 22.75 -3.88
N TYR F 17 9.01 21.70 -3.59
CA TYR F 17 7.70 21.50 -4.21
C TYR F 17 6.57 21.16 -3.24
N ILE G 3 -28.19 -3.51 13.74
CA ILE G 3 -26.75 -3.31 13.79
C ILE G 3 -26.01 -4.24 14.76
N ALA G 4 -26.62 -4.49 15.91
CA ALA G 4 -25.95 -5.24 16.96
C ALA G 4 -25.78 -6.70 16.58
N GLN G 5 -26.75 -7.27 15.87
CA GLN G 5 -26.67 -8.68 15.48
C GLN G 5 -25.87 -8.81 14.20
N LEU G 7 -22.86 -6.53 13.85
CA LEU G 7 -21.69 -6.44 14.72
C LEU G 7 -21.30 -7.76 15.38
N ARG G 8 -22.30 -8.63 15.57
CA ARG G 8 -22.09 -9.83 16.35
C ARG G 8 -21.72 -11.04 15.50
N ARG G 9 -22.51 -11.27 14.45
CA ARG G 9 -22.25 -12.34 13.51
C ARG G 9 -20.94 -12.05 12.81
N GLY G 11 -18.30 -9.71 14.34
CA GLY G 11 -17.40 -10.18 15.37
C GLY G 11 -17.10 -11.66 15.40
N ASP G 12 -18.10 -12.48 15.10
CA ASP G 12 -17.92 -13.91 15.26
C ASP G 12 -17.11 -14.52 14.10
N GLU G 13 -17.38 -14.08 12.88
CA GLU G 13 -16.58 -14.56 11.75
C GLU G 13 -15.18 -13.92 11.73
N ASN G 15 -13.55 -13.83 14.97
CA ASN G 15 -13.28 -15.09 15.65
C ASN G 15 -13.06 -16.37 14.81
N ALA G 16 -13.93 -16.62 13.83
CA ALA G 16 -13.82 -17.80 12.96
C ALA G 16 -12.76 -17.63 11.87
N TYR G 17 -12.20 -16.43 11.77
CA TYR G 17 -11.16 -16.19 10.77
C TYR G 17 -9.83 -16.03 11.45
N ILE H 1 -14.60 -30.50 7.05
CA ILE H 1 -13.84 -30.77 5.83
C ILE H 1 -13.39 -29.43 5.22
N ILE H 3 -9.59 -26.12 2.94
CA ILE H 3 -9.17 -25.05 2.03
C ILE H 3 -10.22 -24.65 0.99
N ALA H 4 -10.74 -25.62 0.26
CA ALA H 4 -11.67 -25.31 -0.83
C ALA H 4 -13.00 -24.74 -0.32
N GLN H 5 -13.49 -25.26 0.81
CA GLN H 5 -14.78 -24.81 1.34
C GLN H 5 -14.63 -23.42 1.95
N LEU H 7 -12.21 -20.98 0.47
CA LEU H 7 -12.35 -20.45 -0.88
C LEU H 7 -13.79 -20.19 -1.33
N ARG H 8 -14.63 -21.20 -1.18
CA ARG H 8 -16.02 -21.15 -1.62
C ARG H 8 -16.85 -20.13 -0.82
N ARG H 9 -16.71 -20.14 0.50
CA ARG H 9 -17.64 -19.39 1.38
C ARG H 9 -17.24 -17.92 1.58
N GLY H 11 -15.24 -16.51 -1.24
CA GLY H 11 -15.86 -16.32 -2.55
C GLY H 11 -17.29 -15.78 -2.59
N ASP H 12 -18.18 -16.36 -1.80
CA ASP H 12 -19.61 -16.00 -1.82
C ASP H 12 -19.91 -14.69 -1.09
N GLU H 13 -19.02 -14.28 -0.19
CA GLU H 13 -19.17 -13.04 0.55
C GLU H 13 -18.67 -11.90 -0.32
N ASN H 15 -19.28 -12.43 -4.10
CA ASN H 15 -20.61 -12.39 -4.68
C ASN H 15 -21.62 -11.51 -3.95
N ALA H 16 -21.73 -11.68 -2.63
CA ALA H 16 -22.78 -11.01 -1.88
C ALA H 16 -22.66 -9.49 -1.88
N TYR H 17 -21.46 -8.98 -1.61
CA TYR H 17 -21.25 -7.54 -1.53
C TYR H 17 -20.71 -6.90 -2.83
#